data_7OD7
#
_entry.id   7OD7
#
_cell.length_a   1.00
_cell.length_b   1.00
_cell.length_c   1.00
_cell.angle_alpha   90.00
_cell.angle_beta   90.00
_cell.angle_gamma   90.00
#
_symmetry.space_group_name_H-M   'P 1'
#
loop_
_entity.id
_entity.type
_entity.pdbx_description
1 polymer 'Capsid protein'
2 polymer SLLRGM
#
loop_
_entity_poly.entity_id
_entity_poly.type
_entity_poly.pdbx_seq_one_letter_code
_entity_poly.pdbx_strand_id
1 'polypeptide(L)'
;MDIDPYKEFGATVELLSFLPSDFFPSVRDLLDTASALYREALESPEHCSPHHTALRQAILCWGELMTLATWVGVNLEDPA
SRDLVVSYVNTNMGLKFRQLLWFHISCLTFGRETVIEYLVSFGVWIRTPPAYRPPNAPILSTLPETTVVRRRGRSPRRRT
PSPRRRRSQSPRRRRSQSRESQC
;
B,A,C,D
2 'polypeptide(L)' (UNK)(UNK)(UNK)(UNK)(UNK)(UNK)SLLRGM E
#
# COMPACT_ATOMS: atom_id res chain seq x y z
N MET A 1 -5.82 -11.73 -33.85
CA MET A 1 -6.21 -13.16 -33.90
C MET A 1 -7.66 -13.35 -33.47
N ASP A 2 -8.42 -12.26 -33.50
CA ASP A 2 -9.85 -12.29 -33.18
C ASP A 2 -10.07 -12.90 -31.79
N ILE A 3 -9.54 -12.19 -30.78
CA ILE A 3 -9.66 -12.62 -29.40
C ILE A 3 -10.65 -11.71 -28.69
N ASP A 4 -11.43 -12.30 -27.78
CA ASP A 4 -12.32 -11.57 -26.91
C ASP A 4 -11.88 -11.79 -25.48
N PRO A 5 -11.38 -10.77 -24.77
CA PRO A 5 -10.79 -11.01 -23.46
C PRO A 5 -11.77 -11.45 -22.39
N TYR A 6 -13.08 -11.38 -22.65
CA TYR A 6 -14.08 -11.79 -21.70
C TYR A 6 -14.72 -13.13 -22.03
N LYS A 7 -14.61 -13.58 -23.28
CA LYS A 7 -15.15 -14.88 -23.66
C LYS A 7 -14.62 -15.98 -22.76
N GLU A 8 -13.32 -15.92 -22.45
CA GLU A 8 -12.71 -16.85 -21.53
C GLU A 8 -13.41 -16.88 -20.18
N PHE A 9 -14.18 -15.85 -19.85
CA PHE A 9 -14.81 -15.74 -18.55
C PHE A 9 -16.33 -15.90 -18.56
N GLY A 10 -16.96 -15.68 -19.71
CA GLY A 10 -18.39 -15.90 -19.84
C GLY A 10 -19.13 -14.73 -20.40
N ALA A 11 -18.41 -13.67 -20.73
CA ALA A 11 -18.98 -12.45 -21.27
C ALA A 11 -18.36 -12.17 -22.63
N THR A 12 -18.72 -11.01 -23.18
CA THR A 12 -18.23 -10.58 -24.47
C THR A 12 -18.11 -9.06 -24.46
N VAL A 13 -17.68 -8.50 -25.59
CA VAL A 13 -17.68 -7.06 -25.73
C VAL A 13 -19.06 -6.52 -26.04
N GLU A 14 -19.91 -7.31 -26.68
CA GLU A 14 -21.26 -6.87 -26.99
C GLU A 14 -22.08 -6.70 -25.71
N LEU A 15 -21.79 -7.49 -24.69
CA LEU A 15 -22.49 -7.38 -23.43
C LEU A 15 -22.06 -6.15 -22.65
N LEU A 16 -20.81 -5.74 -22.79
CA LEU A 16 -20.31 -4.53 -22.15
C LEU A 16 -20.35 -3.31 -23.06
N SER A 17 -20.69 -3.49 -24.34
CA SER A 17 -20.82 -2.36 -25.24
C SER A 17 -21.97 -1.45 -24.85
N PHE A 18 -22.81 -1.87 -23.91
CA PHE A 18 -23.94 -1.06 -23.49
C PHE A 18 -23.54 -0.10 -22.38
N LEU A 19 -22.87 -0.62 -21.37
CA LEU A 19 -22.36 0.19 -20.26
C LEU A 19 -21.70 1.45 -20.82
N PRO A 20 -22.22 2.62 -20.52
CA PRO A 20 -21.65 3.84 -21.12
C PRO A 20 -20.28 4.18 -20.58
N SER A 21 -19.68 5.23 -21.11
CA SER A 21 -18.40 5.70 -20.59
C SER A 21 -18.57 6.46 -19.29
N ASP A 22 -19.78 6.89 -18.97
CA ASP A 22 -20.08 7.58 -17.72
C ASP A 22 -20.36 6.61 -16.59
N PHE A 23 -20.06 5.33 -16.79
CA PHE A 23 -20.34 4.30 -15.80
C PHE A 23 -19.09 3.78 -15.13
N PHE A 24 -17.94 3.97 -15.73
CA PHE A 24 -16.71 3.37 -15.29
C PHE A 24 -15.88 4.38 -14.53
N PRO A 25 -15.45 4.09 -13.32
CA PRO A 25 -14.56 5.01 -12.61
C PRO A 25 -13.27 5.21 -13.37
N SER A 26 -12.57 6.27 -12.98
CA SER A 26 -11.29 6.57 -13.60
C SER A 26 -10.31 5.43 -13.36
N VAL A 27 -9.29 5.37 -14.22
CA VAL A 27 -8.32 4.30 -14.13
C VAL A 27 -7.55 4.40 -12.83
N ARG A 28 -7.25 5.62 -12.38
CA ARG A 28 -6.57 5.79 -11.11
C ARG A 28 -7.42 5.26 -9.97
N ASP A 29 -8.73 5.52 -10.02
CA ASP A 29 -9.63 5.01 -8.99
C ASP A 29 -9.64 3.49 -8.99
N LEU A 30 -9.72 2.88 -10.17
CA LEU A 30 -9.75 1.42 -10.22
C LEU A 30 -8.45 0.81 -9.76
N LEU A 31 -7.32 1.43 -10.09
CA LEU A 31 -6.04 0.91 -9.65
C LEU A 31 -5.88 1.05 -8.14
N ASP A 32 -6.38 2.14 -7.57
CA ASP A 32 -6.39 2.28 -6.12
C ASP A 32 -7.25 1.20 -5.48
N THR A 33 -8.42 0.95 -6.07
CA THR A 33 -9.28 -0.11 -5.56
C THR A 33 -8.56 -1.45 -5.55
N ALA A 34 -7.90 -1.78 -6.64
CA ALA A 34 -7.14 -3.03 -6.70
C ALA A 34 -6.04 -3.05 -5.66
N SER A 35 -5.21 -2.00 -5.62
CA SER A 35 -4.14 -1.95 -4.63
C SER A 35 -4.67 -2.17 -3.23
N ALA A 36 -5.85 -1.66 -2.93
CA ALA A 36 -6.38 -1.77 -1.57
C ALA A 36 -6.98 -3.14 -1.30
N LEU A 37 -7.57 -3.77 -2.31
CA LEU A 37 -8.32 -5.00 -2.09
C LEU A 37 -7.47 -6.25 -2.31
N TYR A 38 -6.78 -6.34 -3.46
CA TYR A 38 -6.09 -7.61 -3.79
C TYR A 38 -4.59 -7.41 -4.06
N ARG A 39 -3.94 -6.46 -3.39
CA ARG A 39 -2.54 -6.19 -3.67
C ARG A 39 -1.68 -7.39 -3.31
N GLU A 40 -1.83 -7.91 -2.10
CA GLU A 40 -1.01 -9.04 -1.68
C GLU A 40 -1.33 -10.31 -2.45
N ALA A 41 -2.36 -10.25 -3.32
CA ALA A 41 -2.69 -11.40 -4.19
C ALA A 41 -2.16 -11.17 -5.60
N LEU A 42 -2.12 -9.90 -6.05
CA LEU A 42 -1.63 -9.56 -7.40
C LEU A 42 -0.10 -9.60 -7.40
N GLU A 43 0.51 -9.26 -6.27
CA GLU A 43 1.96 -9.29 -6.13
C GLU A 43 2.48 -10.63 -5.65
N SER A 44 1.61 -11.62 -5.52
CA SER A 44 2.01 -12.91 -4.99
C SER A 44 2.54 -13.81 -6.09
N PRO A 45 3.34 -14.88 -5.77
CA PRO A 45 3.91 -15.75 -6.79
C PRO A 45 2.96 -16.92 -7.10
N GLU A 46 1.65 -16.70 -6.94
CA GLU A 46 0.65 -17.74 -7.30
C GLU A 46 -0.30 -17.14 -8.32
N HIS A 47 -0.85 -17.96 -9.22
CA HIS A 47 -1.85 -17.46 -10.20
C HIS A 47 -3.07 -16.94 -9.44
N CYS A 48 -3.45 -17.60 -8.34
CA CYS A 48 -4.62 -17.20 -7.51
C CYS A 48 -5.92 -17.45 -8.28
N SER A 49 -6.25 -16.57 -9.24
CA SER A 49 -7.46 -16.82 -10.09
C SER A 49 -7.18 -16.38 -11.54
N PRO A 50 -7.89 -16.87 -12.58
CA PRO A 50 -7.69 -16.35 -13.94
C PRO A 50 -7.92 -14.83 -13.92
N HIS A 51 -8.88 -14.35 -13.11
CA HIS A 51 -9.14 -12.89 -12.99
C HIS A 51 -7.90 -12.17 -12.45
N HIS A 52 -7.22 -12.77 -11.47
CA HIS A 52 -5.97 -12.17 -10.92
C HIS A 52 -4.89 -12.08 -12.00
N THR A 53 -4.72 -13.15 -12.78
CA THR A 53 -3.71 -13.15 -13.88
C THR A 53 -4.06 -12.04 -14.88
N ALA A 54 -5.33 -11.93 -15.25
CA ALA A 54 -5.77 -10.90 -16.22
C ALA A 54 -5.53 -9.49 -15.66
N LEU A 55 -5.80 -9.30 -14.36
CA LEU A 55 -5.60 -7.98 -13.71
C LEU A 55 -4.12 -7.61 -13.80
N ARG A 56 -3.22 -8.56 -13.53
CA ARG A 56 -1.77 -8.23 -13.53
C ARG A 56 -1.35 -7.74 -14.91
N GLN A 57 -1.82 -8.41 -15.97
CA GLN A 57 -1.41 -8.04 -17.35
C GLN A 57 -1.97 -6.65 -17.68
N ALA A 58 -3.22 -6.37 -17.32
CA ALA A 58 -3.82 -5.08 -17.62
C ALA A 58 -3.07 -3.95 -16.95
N ILE A 59 -2.74 -4.13 -15.68
CA ILE A 59 -1.99 -3.11 -14.95
C ILE A 59 -0.64 -2.87 -15.61
N LEU A 60 0.04 -3.94 -16.02
CA LEU A 60 1.32 -3.79 -16.68
C LEU A 60 1.19 -2.98 -17.96
N CYS A 61 0.22 -3.32 -18.80
CA CYS A 61 0.11 -2.63 -20.08
C CYS A 61 -0.31 -1.18 -19.88
N TRP A 62 -1.14 -0.91 -18.87
CA TRP A 62 -1.46 0.48 -18.56
C TRP A 62 -0.23 1.23 -18.10
N GLY A 63 0.63 0.57 -17.33
CA GLY A 63 1.88 1.22 -16.93
C GLY A 63 2.75 1.54 -18.12
N GLU A 64 2.81 0.63 -19.09
CA GLU A 64 3.57 0.89 -20.30
C GLU A 64 3.00 2.08 -21.07
N LEU A 65 1.66 2.16 -21.14
CA LEU A 65 1.05 3.29 -21.83
C LEU A 65 1.29 4.61 -21.10
N MET A 66 1.25 4.58 -19.77
CA MET A 66 1.57 5.77 -19.00
C MET A 66 3.01 6.21 -19.23
N THR A 67 3.94 5.25 -19.22
CA THR A 67 5.33 5.55 -19.54
C THR A 67 5.43 6.16 -20.93
N LEU A 68 4.70 5.63 -21.90
CA LEU A 68 4.69 6.18 -23.24
C LEU A 68 4.24 7.63 -23.21
N ALA A 69 3.17 7.91 -22.46
CA ALA A 69 2.63 9.27 -22.41
C ALA A 69 3.64 10.24 -21.81
N THR A 70 4.28 9.85 -20.71
CA THR A 70 5.29 10.71 -20.11
C THR A 70 6.45 10.94 -21.06
N TRP A 71 6.96 9.86 -21.66
CA TRP A 71 8.06 9.97 -22.61
C TRP A 71 7.70 10.91 -23.75
N VAL A 72 6.47 10.81 -24.25
CA VAL A 72 6.02 11.70 -25.32
C VAL A 72 6.01 13.14 -24.82
N GLY A 73 5.34 13.37 -23.70
CA GLY A 73 5.29 14.72 -23.15
C GLY A 73 6.66 15.32 -22.95
N VAL A 74 7.67 14.48 -22.73
CA VAL A 74 9.01 14.99 -22.45
C VAL A 74 9.80 15.19 -23.74
N ASN A 75 9.59 14.33 -24.72
CA ASN A 75 10.45 14.28 -25.90
C ASN A 75 9.80 14.77 -27.18
N LEU A 76 8.58 15.31 -27.07
CA LEU A 76 7.91 15.89 -28.28
C LEU A 76 7.81 17.41 -28.12
N GLU A 77 8.60 18.16 -28.88
CA GLU A 77 8.54 19.62 -28.82
C GLU A 77 7.21 20.15 -29.36
N ASP A 78 6.61 19.38 -30.26
CA ASP A 78 5.33 19.80 -30.88
C ASP A 78 4.21 19.67 -29.84
N PRO A 79 3.68 20.76 -29.22
CA PRO A 79 2.62 20.60 -28.21
C PRO A 79 1.31 20.11 -28.79
N ALA A 80 1.00 20.45 -30.03
CA ALA A 80 -0.23 19.96 -30.65
C ALA A 80 -0.25 18.44 -30.67
N SER A 81 0.76 17.84 -31.31
CA SER A 81 0.85 16.36 -31.38
C SER A 81 0.91 15.79 -29.96
N ARG A 82 1.75 16.38 -29.10
CA ARG A 82 1.85 15.94 -27.71
C ARG A 82 0.47 15.80 -27.08
N ASP A 83 -0.29 16.89 -27.09
CA ASP A 83 -1.63 16.90 -26.50
C ASP A 83 -2.53 15.88 -27.15
N LEU A 84 -2.54 15.84 -28.48
CA LEU A 84 -3.48 14.96 -29.18
C LEU A 84 -3.20 13.50 -28.84
N VAL A 85 -1.93 13.10 -28.87
CA VAL A 85 -1.56 11.73 -28.55
C VAL A 85 -1.92 11.41 -27.11
N VAL A 86 -1.56 12.28 -26.18
CA VAL A 86 -1.80 11.96 -24.77
C VAL A 86 -3.29 11.85 -24.49
N SER A 87 -4.08 12.76 -25.07
CA SER A 87 -5.52 12.73 -24.84
C SER A 87 -6.16 11.51 -25.48
N TYR A 88 -5.74 11.17 -26.69
CA TYR A 88 -6.22 9.94 -27.31
C TYR A 88 -5.95 8.75 -26.42
N VAL A 89 -4.70 8.62 -25.97
CA VAL A 89 -4.34 7.52 -25.08
C VAL A 89 -5.30 7.48 -23.91
N ASN A 90 -5.28 8.55 -23.10
CA ASN A 90 -6.12 8.58 -21.92
C ASN A 90 -7.54 8.16 -22.26
N THR A 91 -8.23 8.93 -23.10
CA THR A 91 -9.64 8.66 -23.35
C THR A 91 -9.87 7.21 -23.80
N ASN A 92 -9.35 6.84 -24.97
CA ASN A 92 -9.75 5.58 -25.57
C ASN A 92 -9.18 4.39 -24.80
N MET A 93 -7.86 4.37 -24.63
CA MET A 93 -7.25 3.23 -23.96
C MET A 93 -7.71 3.11 -22.52
N GLY A 94 -7.86 4.24 -21.83
CA GLY A 94 -8.41 4.21 -20.49
C GLY A 94 -9.82 3.69 -20.45
N LEU A 95 -10.62 3.96 -21.49
CA LEU A 95 -11.96 3.40 -21.53
C LEU A 95 -11.90 1.88 -21.64
N LYS A 96 -11.06 1.38 -22.54
CA LYS A 96 -10.88 -0.06 -22.65
C LYS A 96 -10.45 -0.66 -21.32
N PHE A 97 -9.43 -0.07 -20.70
CA PHE A 97 -8.88 -0.62 -19.48
C PHE A 97 -9.83 -0.45 -18.31
N ARG A 98 -10.70 0.55 -18.37
CA ARG A 98 -11.72 0.71 -17.34
C ARG A 98 -12.75 -0.41 -17.46
N GLN A 99 -13.27 -0.65 -18.65
CA GLN A 99 -14.12 -1.81 -18.86
C GLN A 99 -13.47 -3.05 -18.26
N LEU A 100 -12.20 -3.26 -18.59
CA LEU A 100 -11.51 -4.48 -18.21
C LEU A 100 -11.36 -4.58 -16.70
N LEU A 101 -10.80 -3.55 -16.08
CA LEU A 101 -10.55 -3.58 -14.64
C LEU A 101 -11.84 -3.69 -13.87
N TRP A 102 -12.87 -2.96 -14.31
CA TRP A 102 -14.17 -3.07 -13.66
C TRP A 102 -14.68 -4.50 -13.73
N PHE A 103 -14.64 -5.09 -14.92
CA PHE A 103 -15.14 -6.46 -15.06
C PHE A 103 -14.42 -7.40 -14.12
N HIS A 104 -13.10 -7.28 -14.02
CA HIS A 104 -12.35 -8.25 -13.24
C HIS A 104 -12.53 -8.02 -11.74
N ILE A 105 -12.37 -6.77 -11.31
CA ILE A 105 -12.59 -6.43 -9.91
C ILE A 105 -13.98 -6.86 -9.47
N SER A 106 -14.97 -6.75 -10.35
CA SER A 106 -16.32 -7.15 -9.99
C SER A 106 -16.46 -8.67 -9.95
N CYS A 107 -16.06 -9.36 -11.01
CA CYS A 107 -16.13 -10.81 -10.96
C CYS A 107 -15.34 -11.39 -9.82
N LEU A 108 -14.51 -10.57 -9.17
CA LEU A 108 -13.75 -11.03 -7.97
C LEU A 108 -14.53 -10.70 -6.70
N THR A 109 -14.96 -9.45 -6.53
CA THR A 109 -15.76 -9.05 -5.38
C THR A 109 -17.08 -9.83 -5.34
N PHE A 110 -17.91 -9.61 -6.33
CA PHE A 110 -19.09 -10.44 -6.57
C PHE A 110 -18.65 -11.62 -7.43
N GLY A 111 -19.61 -12.34 -7.99
CA GLY A 111 -19.32 -13.47 -8.84
C GLY A 111 -19.64 -13.21 -10.30
N ARG A 112 -19.17 -14.14 -11.15
CA ARG A 112 -19.47 -14.06 -12.57
C ARG A 112 -20.97 -14.05 -12.81
N GLU A 113 -21.70 -14.90 -12.10
CA GLU A 113 -23.15 -14.96 -12.26
C GLU A 113 -23.78 -13.62 -11.97
N THR A 114 -23.44 -13.04 -10.81
CA THR A 114 -24.01 -11.75 -10.43
C THR A 114 -23.66 -10.68 -11.44
N VAL A 115 -22.41 -10.63 -11.88
CA VAL A 115 -21.98 -9.59 -12.82
C VAL A 115 -22.71 -9.73 -14.13
N ILE A 116 -22.88 -10.97 -14.61
CA ILE A 116 -23.51 -11.17 -15.91
C ILE A 116 -24.98 -10.86 -15.84
N GLU A 117 -25.64 -11.22 -14.74
CA GLU A 117 -27.04 -10.84 -14.59
C GLU A 117 -27.19 -9.33 -14.51
N TYR A 118 -26.25 -8.66 -13.83
CA TYR A 118 -26.30 -7.20 -13.79
C TYR A 118 -26.12 -6.62 -15.17
N LEU A 119 -25.27 -7.24 -15.99
CA LEU A 119 -25.03 -6.71 -17.33
C LEU A 119 -26.26 -6.90 -18.20
N VAL A 120 -26.90 -8.06 -18.10
CA VAL A 120 -28.14 -8.30 -18.84
C VAL A 120 -29.18 -7.27 -18.46
N SER A 121 -29.35 -7.05 -17.15
CA SER A 121 -30.36 -6.11 -16.69
C SER A 121 -30.03 -4.68 -17.09
N PHE A 122 -28.76 -4.29 -16.99
CA PHE A 122 -28.36 -2.96 -17.41
C PHE A 122 -28.55 -2.77 -18.91
N GLY A 123 -28.40 -3.84 -19.69
CA GLY A 123 -28.72 -3.73 -21.09
C GLY A 123 -30.20 -3.51 -21.32
N VAL A 124 -31.03 -4.33 -20.68
CA VAL A 124 -32.46 -4.11 -20.71
C VAL A 124 -32.79 -2.67 -20.39
N TRP A 125 -32.08 -2.08 -19.44
CA TRP A 125 -32.40 -0.74 -18.97
C TRP A 125 -31.96 0.31 -19.98
N ILE A 126 -30.69 0.25 -20.39
CA ILE A 126 -30.11 1.29 -21.23
C ILE A 126 -30.61 1.20 -22.66
N ARG A 127 -31.17 0.06 -23.06
CA ARG A 127 -31.81 -0.03 -24.38
C ARG A 127 -33.20 0.58 -24.35
N THR A 128 -33.86 0.52 -23.20
CA THR A 128 -35.19 1.06 -23.09
C THR A 128 -35.15 2.59 -23.17
N PRO A 129 -36.11 3.22 -23.83
CA PRO A 129 -36.12 4.68 -23.88
C PRO A 129 -36.38 5.27 -22.52
N PRO A 130 -35.88 6.48 -22.28
CA PRO A 130 -36.06 7.09 -20.95
C PRO A 130 -37.52 7.29 -20.59
N ALA A 131 -38.37 7.52 -21.58
CA ALA A 131 -39.78 7.74 -21.34
C ALA A 131 -40.49 6.50 -20.84
N TYR A 132 -39.84 5.35 -20.89
CA TYR A 132 -40.44 4.09 -20.47
C TYR A 132 -39.58 3.33 -19.48
N ARG A 133 -38.39 3.80 -19.17
CA ARG A 133 -37.56 3.11 -18.21
C ARG A 133 -37.51 3.86 -16.88
N PRO A 134 -37.32 3.15 -15.78
CA PRO A 134 -37.11 3.84 -14.52
C PRO A 134 -35.91 4.75 -14.59
N PRO A 135 -35.90 5.82 -13.82
CA PRO A 135 -34.80 6.78 -13.91
C PRO A 135 -33.56 6.31 -13.17
N ASN A 136 -33.77 5.54 -12.10
CA ASN A 136 -32.69 5.08 -11.25
C ASN A 136 -32.12 3.79 -11.82
N ALA A 137 -30.95 3.89 -12.41
CA ALA A 137 -30.25 2.77 -13.02
C ALA A 137 -30.16 1.59 -12.05
N PRO A 138 -30.05 0.36 -12.56
CA PRO A 138 -29.76 -0.76 -11.68
C PRO A 138 -28.36 -0.64 -11.11
N ILE A 139 -28.18 -1.18 -9.93
CA ILE A 139 -27.04 -0.85 -9.10
C ILE A 139 -26.42 -2.12 -8.53
N LEU A 140 -25.09 -2.15 -8.50
CA LEU A 140 -24.32 -3.26 -7.97
C LEU A 140 -23.51 -2.74 -6.79
N SER A 141 -23.69 -3.36 -5.63
CA SER A 141 -23.08 -2.83 -4.42
C SER A 141 -22.82 -3.95 -3.43
N THR A 142 -21.79 -3.78 -2.62
CA THR A 142 -21.56 -4.67 -1.48
C THR A 142 -22.47 -4.30 -0.32
N LEU A 143 -22.99 -3.07 -0.35
CA LEU A 143 -23.82 -2.56 0.77
C LEU A 143 -25.31 -2.70 0.42
N PRO A 144 -26.23 -2.65 1.42
CA PRO A 144 -27.67 -2.62 1.14
C PRO A 144 -27.98 -1.20 0.64
N GLU A 145 -29.16 -1.00 0.04
CA GLU A 145 -29.51 0.33 -0.51
C GLU A 145 -29.51 1.36 0.63
N THR A 146 -29.78 0.91 1.87
CA THR A 146 -29.82 1.84 3.04
C THR A 146 -28.40 2.31 3.37
N THR A 147 -27.38 1.59 2.91
CA THR A 147 -25.94 1.95 3.17
C THR A 147 -25.69 2.21 4.65
N VAL A 148 -26.32 1.43 5.55
CA VAL A 148 -25.97 1.58 7.00
C VAL A 148 -25.21 0.31 7.38
N VAL A 149 -23.96 0.46 7.83
CA VAL A 149 -23.11 -0.71 8.18
C VAL A 149 -23.21 -0.95 9.68
N ARG A 150 -23.49 -2.18 10.10
CA ARG A 150 -23.65 -2.51 11.51
C ARG A 150 -22.76 -3.69 11.90
N MET B 1 1.78 -0.58 -7.61
CA MET B 1 2.33 -1.88 -7.15
C MET B 1 3.60 -2.21 -7.91
N ASP B 2 4.28 -3.27 -7.47
CA ASP B 2 5.52 -3.71 -8.10
C ASP B 2 5.32 -5.09 -8.70
N ILE B 3 4.22 -5.25 -9.43
CA ILE B 3 3.87 -6.56 -9.97
C ILE B 3 4.98 -7.07 -10.89
N ASP B 4 5.26 -8.37 -10.78
CA ASP B 4 6.18 -9.07 -11.65
C ASP B 4 5.37 -10.04 -12.49
N PRO B 5 5.39 -9.95 -13.82
CA PRO B 5 4.51 -10.80 -14.63
C PRO B 5 4.95 -12.25 -14.70
N TYR B 6 6.14 -12.58 -14.20
CA TYR B 6 6.64 -13.93 -14.24
C TYR B 6 6.70 -14.60 -12.88
N LYS B 7 6.49 -13.85 -11.81
CA LYS B 7 6.57 -14.41 -10.47
C LYS B 7 5.57 -15.53 -10.28
N GLU B 8 4.37 -15.36 -10.85
CA GLU B 8 3.35 -16.44 -10.77
C GLU B 8 3.79 -17.62 -11.64
N PHE B 9 4.63 -17.37 -12.65
CA PHE B 9 5.05 -18.44 -13.59
C PHE B 9 6.41 -19.03 -13.18
N GLY B 10 6.93 -18.65 -12.00
CA GLY B 10 8.15 -19.23 -11.50
C GLY B 10 9.41 -18.57 -11.97
N ALA B 11 9.37 -17.28 -12.29
CA ALA B 11 10.57 -16.58 -12.72
C ALA B 11 10.56 -15.15 -12.20
N THR B 12 11.53 -14.37 -12.65
CA THR B 12 11.66 -12.97 -12.26
C THR B 12 12.42 -12.25 -13.36
N VAL B 13 12.26 -10.93 -13.41
CA VAL B 13 12.95 -10.15 -14.43
C VAL B 13 14.45 -10.25 -14.27
N GLU B 14 14.93 -10.61 -13.08
CA GLU B 14 16.36 -10.81 -12.89
C GLU B 14 16.82 -12.11 -13.52
N LEU B 15 15.92 -13.07 -13.66
CA LEU B 15 16.21 -14.34 -14.30
C LEU B 15 16.08 -14.28 -15.81
N LEU B 16 15.41 -13.26 -16.34
CA LEU B 16 15.37 -13.01 -17.76
C LEU B 16 16.32 -11.91 -18.19
N SER B 17 16.91 -11.18 -17.26
CA SER B 17 18.00 -10.27 -17.59
C SER B 17 19.21 -11.01 -18.11
N PHE B 18 19.30 -12.31 -17.86
CA PHE B 18 20.35 -13.13 -18.45
C PHE B 18 20.34 -13.01 -19.97
N LEU B 19 19.21 -13.23 -20.57
CA LEU B 19 19.09 -13.12 -22.01
C LEU B 19 19.19 -11.66 -22.42
N PRO B 20 19.98 -11.33 -23.43
CA PRO B 20 20.01 -9.95 -23.90
C PRO B 20 18.70 -9.54 -24.53
N SER B 21 18.61 -8.29 -24.98
CA SER B 21 17.43 -7.83 -25.69
C SER B 21 17.50 -8.07 -27.19
N ASP B 22 18.70 -8.34 -27.71
CA ASP B 22 18.88 -8.72 -29.10
C ASP B 22 18.77 -10.22 -29.32
N PHE B 23 18.23 -10.94 -28.34
CA PHE B 23 18.04 -12.38 -28.47
C PHE B 23 16.60 -12.73 -28.79
N PHE B 24 15.66 -11.93 -28.31
CA PHE B 24 14.21 -12.26 -28.47
C PHE B 24 13.81 -12.21 -29.94
N PRO B 25 12.97 -13.16 -30.41
CA PRO B 25 12.49 -13.15 -31.79
C PRO B 25 11.56 -11.94 -31.98
N SER B 26 11.42 -11.44 -33.20
CA SER B 26 10.60 -10.21 -33.45
C SER B 26 9.15 -10.49 -33.08
N VAL B 27 8.38 -9.45 -32.75
CA VAL B 27 6.98 -9.65 -32.28
C VAL B 27 6.20 -10.38 -33.37
N ARG B 28 6.42 -10.03 -34.64
CA ARG B 28 5.66 -10.67 -35.76
C ARG B 28 5.97 -12.18 -35.79
N ASP B 29 7.24 -12.55 -35.60
CA ASP B 29 7.63 -13.99 -35.59
C ASP B 29 6.93 -14.69 -34.43
N LEU B 30 6.84 -14.02 -33.28
CA LEU B 30 6.21 -14.62 -32.07
C LEU B 30 4.70 -14.78 -32.30
N LEU B 31 4.05 -13.82 -32.98
CA LEU B 31 2.63 -13.91 -33.21
C LEU B 31 2.28 -14.97 -34.25
N ASP B 32 3.14 -15.13 -35.27
CA ASP B 32 2.94 -16.22 -36.22
C ASP B 32 2.99 -17.56 -35.52
N THR B 33 3.99 -17.74 -34.66
CA THR B 33 4.08 -18.97 -33.87
C THR B 33 2.84 -19.18 -33.03
N ALA B 34 2.43 -18.15 -32.30
CA ALA B 34 1.28 -18.26 -31.42
C ALA B 34 0.04 -18.65 -32.20
N SER B 35 -0.19 -18.01 -33.34
CA SER B 35 -1.30 -18.39 -34.18
C SER B 35 -1.19 -19.87 -34.51
N ALA B 36 -0.13 -20.22 -35.26
CA ALA B 36 0.02 -21.57 -35.77
C ALA B 36 -0.20 -22.63 -34.70
N LEU B 37 0.21 -22.34 -33.47
CA LEU B 37 0.24 -23.39 -32.45
C LEU B 37 -0.92 -23.36 -31.49
N TYR B 38 -1.51 -22.19 -31.21
CA TYR B 38 -2.53 -22.08 -30.19
C TYR B 38 -3.67 -21.16 -30.59
N ARG B 39 -3.98 -21.02 -31.88
CA ARG B 39 -5.06 -20.13 -32.28
C ARG B 39 -6.39 -20.63 -31.75
N GLU B 40 -6.68 -21.91 -31.94
CA GLU B 40 -7.95 -22.47 -31.53
C GLU B 40 -8.06 -22.63 -30.03
N ALA B 41 -7.01 -22.29 -29.28
CA ALA B 41 -7.06 -22.30 -27.82
C ALA B 41 -7.09 -20.91 -27.23
N LEU B 42 -6.48 -19.94 -27.90
CA LEU B 42 -6.61 -18.55 -27.48
C LEU B 42 -7.96 -17.98 -27.87
N GLU B 43 -8.50 -18.40 -29.00
CA GLU B 43 -9.85 -18.02 -29.42
C GLU B 43 -10.91 -18.87 -28.74
N SER B 44 -10.55 -19.66 -27.77
CA SER B 44 -11.46 -20.57 -27.12
C SER B 44 -12.09 -19.92 -25.90
N PRO B 45 -13.31 -20.33 -25.54
CA PRO B 45 -13.97 -19.82 -24.34
C PRO B 45 -13.62 -20.61 -23.08
N GLU B 46 -12.33 -20.82 -22.85
CA GLU B 46 -11.90 -21.64 -21.73
C GLU B 46 -10.57 -21.13 -21.20
N HIS B 47 -10.40 -21.24 -19.88
N HIS B 47 -10.39 -21.25 -19.89
CA HIS B 47 -9.13 -20.93 -19.22
CA HIS B 47 -9.14 -20.90 -19.24
C HIS B 47 -8.23 -22.15 -19.39
C HIS B 47 -8.24 -22.12 -19.38
N CYS B 48 -7.79 -22.38 -20.61
CA CYS B 48 -6.94 -23.54 -20.85
C CYS B 48 -5.66 -23.46 -20.04
N SER B 49 -5.21 -22.26 -19.71
CA SER B 49 -4.08 -22.10 -18.80
C SER B 49 -3.80 -20.62 -18.51
N PRO B 50 -3.11 -20.27 -17.38
CA PRO B 50 -2.73 -18.88 -17.15
C PRO B 50 -1.83 -18.38 -18.28
N HIS B 51 -1.04 -19.26 -18.91
CA HIS B 51 -0.26 -18.82 -20.05
C HIS B 51 -1.18 -18.34 -21.16
N HIS B 52 -2.28 -19.05 -21.39
CA HIS B 52 -3.22 -18.62 -22.41
C HIS B 52 -3.87 -17.31 -22.05
N THR B 53 -4.26 -17.16 -20.77
CA THR B 53 -4.83 -15.89 -20.31
C THR B 53 -3.87 -14.74 -20.58
N ALA B 54 -2.63 -14.86 -20.09
CA ALA B 54 -1.67 -13.80 -20.23
C ALA B 54 -1.34 -13.54 -21.69
N LEU B 55 -1.36 -14.58 -22.52
CA LEU B 55 -1.05 -14.39 -23.93
C LEU B 55 -2.18 -13.64 -24.63
N ARG B 56 -3.42 -13.98 -24.32
CA ARG B 56 -4.55 -13.21 -24.83
C ARG B 56 -4.40 -11.74 -24.47
N GLN B 57 -4.10 -11.46 -23.20
CA GLN B 57 -4.00 -10.07 -22.78
C GLN B 57 -2.87 -9.35 -23.48
N ALA B 58 -1.71 -10.00 -23.60
CA ALA B 58 -0.58 -9.39 -24.28
C ALA B 58 -0.91 -9.09 -25.72
N ILE B 59 -1.59 -10.00 -26.40
CA ILE B 59 -1.93 -9.79 -27.80
C ILE B 59 -2.92 -8.64 -27.94
N LEU B 60 -3.91 -8.57 -27.04
CA LEU B 60 -4.85 -7.47 -27.09
C LEU B 60 -4.15 -6.13 -26.92
N CYS B 61 -3.22 -6.05 -25.96
CA CYS B 61 -2.56 -4.79 -25.71
C CYS B 61 -1.61 -4.41 -26.84
N TRP B 62 -0.93 -5.39 -27.44
CA TRP B 62 -0.14 -5.09 -28.62
C TRP B 62 -1.03 -4.60 -29.76
N GLY B 63 -2.22 -5.17 -29.90
CA GLY B 63 -3.14 -4.67 -30.90
C GLY B 63 -3.56 -3.24 -30.63
N GLU B 64 -3.78 -2.91 -29.36
CA GLU B 64 -4.07 -1.53 -29.00
C GLU B 64 -2.93 -0.61 -29.39
N LEU B 65 -1.69 -1.06 -29.17
CA LEU B 65 -0.54 -0.25 -29.53
C LEU B 65 -0.46 -0.06 -31.05
N MET B 66 -0.76 -1.10 -31.81
CA MET B 66 -0.73 -0.97 -33.26
C MET B 66 -1.82 -0.04 -33.76
N THR B 67 -3.01 -0.11 -33.15
CA THR B 67 -4.05 0.84 -33.47
C THR B 67 -3.62 2.25 -33.16
N LEU B 68 -2.92 2.44 -32.04
CA LEU B 68 -2.37 3.75 -31.70
C LEU B 68 -1.42 4.22 -32.78
N ALA B 69 -0.53 3.34 -33.24
CA ALA B 69 0.44 3.72 -34.27
C ALA B 69 -0.26 4.13 -35.55
N THR B 70 -1.27 3.37 -35.97
CA THR B 70 -2.01 3.73 -37.18
C THR B 70 -2.71 5.08 -37.00
N TRP B 71 -3.39 5.26 -35.87
CA TRP B 71 -4.08 6.52 -35.61
C TRP B 71 -3.10 7.68 -35.62
N VAL B 72 -1.89 7.46 -35.10
CA VAL B 72 -0.88 8.50 -35.12
C VAL B 72 -0.49 8.83 -36.55
N GLY B 73 -0.15 7.81 -37.33
CA GLY B 73 0.20 8.04 -38.72
C GLY B 73 -0.90 8.73 -39.49
N VAL B 74 -2.14 8.57 -39.06
CA VAL B 74 -3.26 9.15 -39.78
C VAL B 74 -3.53 10.59 -39.34
N ASN B 75 -3.43 10.86 -38.05
CA ASN B 75 -3.90 12.12 -37.48
C ASN B 75 -2.80 13.11 -37.15
N LEU B 76 -1.56 12.63 -37.01
CA LEU B 76 -0.47 13.55 -36.58
C LEU B 76 0.03 14.33 -37.80
N GLU B 77 -0.21 15.65 -37.83
CA GLU B 77 0.22 16.51 -38.96
C GLU B 77 1.74 16.52 -39.07
N ASP B 78 2.45 16.56 -37.93
CA ASP B 78 3.93 16.66 -37.94
C ASP B 78 4.53 15.29 -38.23
N PRO B 79 5.14 15.07 -39.42
CA PRO B 79 5.68 13.76 -39.77
C PRO B 79 6.80 13.35 -38.80
N ALA B 80 7.69 14.28 -38.45
CA ALA B 80 8.83 13.95 -37.57
C ALA B 80 8.35 13.48 -36.19
N SER B 81 7.35 14.18 -35.62
CA SER B 81 6.79 13.76 -34.30
C SER B 81 6.11 12.40 -34.46
N ARG B 82 5.38 12.20 -35.56
CA ARG B 82 4.69 10.91 -35.81
C ARG B 82 5.73 9.79 -35.93
N ASP B 83 6.83 10.05 -36.65
CA ASP B 83 7.88 9.03 -36.86
C ASP B 83 8.53 8.66 -35.51
N LEU B 84 8.79 9.68 -34.68
CA LEU B 84 9.47 9.43 -33.37
C LEU B 84 8.57 8.54 -32.51
N VAL B 85 7.26 8.79 -32.53
CA VAL B 85 6.30 8.02 -31.68
C VAL B 85 6.26 6.56 -32.15
N VAL B 86 6.19 6.32 -33.46
CA VAL B 86 6.01 4.95 -33.94
C VAL B 86 7.27 4.12 -33.68
N SER B 87 8.44 4.72 -33.90
CA SER B 87 9.68 3.98 -33.72
C SER B 87 9.92 3.66 -32.26
N TYR B 88 9.64 4.62 -31.37
CA TYR B 88 9.75 4.35 -29.94
C TYR B 88 8.81 3.21 -29.55
N VAL B 89 7.55 3.30 -29.97
CA VAL B 89 6.60 2.22 -29.70
C VAL B 89 7.22 0.90 -30.07
N ASN B 90 7.52 0.74 -31.36
CA ASN B 90 8.04 -0.53 -31.84
C ASN B 90 9.21 -0.95 -30.97
N THR B 91 10.31 -0.21 -30.99
CA THR B 91 11.51 -0.66 -30.30
C THR B 91 11.22 -1.05 -28.85
N ASN B 92 10.83 -0.09 -28.03
CA ASN B 92 10.80 -0.35 -26.59
C ASN B 92 9.65 -1.26 -26.20
N MET B 93 8.42 -0.89 -26.55
CA MET B 93 7.30 -1.67 -26.06
C MET B 93 7.24 -3.03 -26.75
N GLY B 94 7.67 -3.11 -28.01
CA GLY B 94 7.81 -4.39 -28.65
C GLY B 94 8.90 -5.24 -28.03
N LEU B 95 9.92 -4.62 -27.44
CA LEU B 95 10.90 -5.39 -26.70
C LEU B 95 10.26 -6.03 -25.47
N LYS B 96 9.52 -5.24 -24.71
CA LYS B 96 8.84 -5.80 -23.55
C LYS B 96 7.91 -6.94 -23.96
N PHE B 97 7.11 -6.71 -25.01
CA PHE B 97 6.19 -7.74 -25.46
C PHE B 97 6.92 -8.91 -26.08
N ARG B 98 8.14 -8.67 -26.59
CA ARG B 98 8.94 -9.81 -27.12
C ARG B 98 9.20 -10.76 -25.94
N GLN B 99 9.74 -10.23 -24.83
CA GLN B 99 10.06 -11.08 -23.66
C GLN B 99 8.76 -11.70 -23.14
N LEU B 100 7.67 -10.93 -23.10
CA LEU B 100 6.38 -11.43 -22.57
C LEU B 100 5.90 -12.58 -23.45
N LEU B 101 5.98 -12.43 -24.78
CA LEU B 101 5.45 -13.50 -25.68
C LEU B 101 6.41 -14.68 -25.65
N TRP B 102 7.72 -14.43 -25.82
CA TRP B 102 8.69 -15.50 -25.80
C TRP B 102 8.50 -16.37 -24.57
N PHE B 103 8.44 -15.75 -23.39
CA PHE B 103 8.31 -16.52 -22.17
C PHE B 103 7.09 -17.42 -22.21
N HIS B 104 5.95 -16.86 -22.58
CA HIS B 104 4.71 -17.61 -22.46
C HIS B 104 4.61 -18.70 -23.52
N ILE B 105 4.97 -18.37 -24.77
CA ILE B 105 4.97 -19.37 -25.82
C ILE B 105 5.94 -20.50 -25.49
N SER B 106 7.16 -20.16 -25.08
CA SER B 106 8.14 -21.16 -24.77
C SER B 106 7.70 -22.05 -23.63
N CYS B 107 7.11 -21.48 -22.58
CA CYS B 107 6.59 -22.30 -21.51
C CYS B 107 5.54 -23.26 -22.03
N LEU B 108 4.51 -22.71 -22.67
CA LEU B 108 3.43 -23.56 -23.21
C LEU B 108 3.99 -24.68 -24.06
N THR B 109 5.05 -24.41 -24.82
CA THR B 109 5.52 -25.35 -25.81
C THR B 109 6.45 -26.40 -25.24
N PHE B 110 7.30 -26.03 -24.28
CA PHE B 110 8.34 -26.91 -23.77
C PHE B 110 8.14 -27.30 -22.32
N GLY B 111 7.82 -26.34 -21.45
CA GLY B 111 7.71 -26.59 -20.02
C GLY B 111 8.36 -25.51 -19.20
N ARG B 112 7.77 -25.23 -18.04
CA ARG B 112 8.33 -24.25 -17.13
C ARG B 112 9.72 -24.65 -16.67
N GLU B 113 9.87 -25.92 -16.27
CA GLU B 113 11.17 -26.44 -15.88
C GLU B 113 12.19 -26.22 -16.98
N THR B 114 11.84 -26.61 -18.20
CA THR B 114 12.77 -26.48 -19.32
C THR B 114 13.13 -25.03 -19.56
N VAL B 115 12.16 -24.13 -19.48
CA VAL B 115 12.43 -22.72 -19.75
C VAL B 115 13.36 -22.15 -18.70
N ILE B 116 13.16 -22.50 -17.44
CA ILE B 116 14.01 -21.97 -16.38
C ILE B 116 15.42 -22.53 -16.51
N GLU B 117 15.54 -23.83 -16.78
CA GLU B 117 16.85 -24.41 -17.02
C GLU B 117 17.53 -23.75 -18.20
N TYR B 118 16.76 -23.41 -19.23
CA TYR B 118 17.34 -22.74 -20.39
C TYR B 118 17.84 -21.35 -20.03
N LEU B 119 17.10 -20.64 -19.19
CA LEU B 119 17.57 -19.32 -18.78
C LEU B 119 18.86 -19.42 -18.00
N VAL B 120 18.96 -20.40 -17.10
CA VAL B 120 20.18 -20.58 -16.31
C VAL B 120 21.34 -20.92 -17.23
N SER B 121 21.13 -21.84 -18.16
CA SER B 121 22.19 -22.26 -19.06
C SER B 121 22.62 -21.13 -19.97
N PHE B 122 21.67 -20.34 -20.47
CA PHE B 122 22.02 -19.19 -21.30
C PHE B 122 22.77 -18.15 -20.50
N GLY B 123 22.47 -18.01 -19.22
CA GLY B 123 23.28 -17.13 -18.39
C GLY B 123 24.70 -17.63 -18.30
N VAL B 124 24.87 -18.92 -18.02
CA VAL B 124 26.20 -19.52 -18.02
C VAL B 124 26.92 -19.19 -19.31
N TRP B 125 26.25 -19.41 -20.43
CA TRP B 125 26.87 -19.22 -21.73
C TRP B 125 27.30 -17.78 -21.95
N ILE B 126 26.36 -16.84 -21.80
CA ILE B 126 26.65 -15.44 -22.07
C ILE B 126 27.64 -14.85 -21.08
N ARG B 127 27.78 -15.43 -19.89
CA ARG B 127 28.80 -14.99 -18.96
C ARG B 127 30.15 -15.61 -19.26
N THR B 128 30.15 -16.77 -19.88
CA THR B 128 31.41 -17.45 -20.18
C THR B 128 32.24 -16.60 -21.14
N PRO B 129 33.51 -16.37 -20.85
CA PRO B 129 34.36 -15.63 -21.77
C PRO B 129 34.35 -16.27 -23.15
N PRO B 130 34.54 -15.48 -24.21
CA PRO B 130 34.42 -16.05 -25.55
C PRO B 130 35.46 -17.12 -25.85
N ALA B 131 36.67 -16.94 -25.35
CA ALA B 131 37.73 -17.93 -25.60
C ALA B 131 37.31 -19.33 -25.19
N TYR B 132 36.37 -19.44 -24.26
CA TYR B 132 35.85 -20.72 -23.81
C TYR B 132 34.34 -20.81 -23.99
N ARG B 133 33.77 -19.94 -24.81
CA ARG B 133 32.34 -19.94 -25.05
C ARG B 133 32.04 -20.75 -26.31
N PRO B 134 31.32 -21.86 -26.21
CA PRO B 134 30.98 -22.63 -27.40
C PRO B 134 30.22 -21.77 -28.39
N PRO B 135 30.43 -21.98 -29.69
CA PRO B 135 29.66 -21.22 -30.68
C PRO B 135 28.22 -21.65 -30.77
N ASN B 136 27.91 -22.88 -30.37
CA ASN B 136 26.56 -23.41 -30.44
C ASN B 136 25.81 -22.96 -29.19
N ALA B 137 25.27 -21.76 -29.27
CA ALA B 137 24.47 -21.21 -28.18
C ALA B 137 23.38 -22.20 -27.80
N PRO B 138 22.90 -22.18 -26.56
CA PRO B 138 21.82 -23.09 -26.19
C PRO B 138 20.56 -22.77 -26.97
N ILE B 139 19.71 -23.78 -27.11
CA ILE B 139 18.50 -23.63 -27.89
C ILE B 139 17.47 -24.63 -27.40
N LEU B 140 16.20 -24.23 -27.44
CA LEU B 140 15.12 -25.06 -26.96
C LEU B 140 14.70 -26.05 -28.05
N SER B 141 14.51 -27.30 -27.67
CA SER B 141 14.15 -28.33 -28.63
C SER B 141 13.34 -29.42 -27.94
N THR B 142 12.45 -30.03 -28.72
CA THR B 142 11.70 -31.21 -28.27
C THR B 142 12.34 -32.51 -28.73
N LEU B 143 13.03 -32.49 -29.87
CA LEU B 143 13.60 -33.71 -30.44
C LEU B 143 14.98 -33.97 -29.87
N MET C 1 12.12 0.84 11.36
CA MET C 1 12.10 -0.64 11.48
C MET C 1 11.00 -1.22 10.61
N ASP C 2 10.52 -0.43 9.66
CA ASP C 2 9.50 -0.86 8.71
C ASP C 2 8.28 -1.42 9.45
N ILE C 3 7.63 -0.55 10.21
CA ILE C 3 6.51 -0.92 11.07
C ILE C 3 5.23 -0.33 10.50
N ASP C 4 4.17 -1.13 10.52
CA ASP C 4 2.83 -0.70 10.19
C ASP C 4 1.94 -0.84 11.40
N PRO C 5 1.34 0.23 11.91
CA PRO C 5 0.53 0.13 13.12
C PRO C 5 -0.82 -0.55 12.94
N TYR C 6 -1.08 -1.12 11.78
CA TYR C 6 -2.36 -1.73 11.48
C TYR C 6 -2.27 -3.20 11.15
N LYS C 7 -1.13 -3.66 10.63
CA LYS C 7 -1.07 -5.02 10.12
C LYS C 7 -1.24 -6.06 11.23
N GLU C 8 -1.07 -5.68 12.49
CA GLU C 8 -1.45 -6.56 13.58
C GLU C 8 -2.95 -6.55 13.83
N PHE C 9 -3.66 -5.57 13.27
CA PHE C 9 -5.10 -5.50 13.35
C PHE C 9 -5.77 -5.84 12.03
N GLY C 10 -5.02 -6.24 11.02
CA GLY C 10 -5.59 -6.70 9.77
C GLY C 10 -5.86 -5.62 8.76
N ALA C 11 -5.24 -4.45 8.91
CA ALA C 11 -5.47 -3.35 7.99
C ALA C 11 -4.14 -2.82 7.47
N THR C 12 -4.17 -1.66 6.83
CA THR C 12 -2.98 -1.14 6.16
C THR C 12 -3.21 0.33 5.84
N VAL C 13 -2.12 1.09 5.84
CA VAL C 13 -2.21 2.50 5.53
C VAL C 13 -2.69 2.70 4.10
N GLU C 14 -2.39 1.74 3.22
CA GLU C 14 -2.93 1.80 1.86
C GLU C 14 -4.44 1.61 1.88
N LEU C 15 -4.95 0.89 2.89
CA LEU C 15 -6.39 0.68 3.01
C LEU C 15 -7.08 1.86 3.66
N LEU C 16 -6.40 2.61 4.52
CA LEU C 16 -7.01 3.77 5.15
C LEU C 16 -6.83 5.05 4.34
N SER C 17 -5.77 5.16 3.55
CA SER C 17 -5.68 6.20 2.55
C SER C 17 -6.63 5.98 1.40
N PHE C 18 -7.33 4.85 1.39
CA PHE C 18 -8.33 4.55 0.38
C PHE C 18 -9.58 5.39 0.55
N LEU C 19 -9.75 5.97 1.68
CA LEU C 19 -10.78 6.94 1.98
C LEU C 19 -10.23 8.34 1.87
N PRO C 20 -11.09 9.35 1.75
CA PRO C 20 -10.59 10.72 1.69
C PRO C 20 -10.13 11.20 3.06
N SER C 21 -9.15 12.09 3.05
CA SER C 21 -8.68 12.69 4.28
C SER C 21 -9.73 13.62 4.88
N ASP C 22 -10.71 14.02 4.10
CA ASP C 22 -11.79 14.87 4.58
C ASP C 22 -12.89 14.10 5.28
N PHE C 23 -12.73 12.79 5.44
CA PHE C 23 -13.78 11.97 6.05
C PHE C 23 -13.55 11.79 7.54
N PHE C 24 -12.32 11.87 7.98
CA PHE C 24 -11.98 11.46 9.32
C PHE C 24 -12.30 12.58 10.31
N PRO C 25 -13.08 12.31 11.35
CA PRO C 25 -13.46 13.37 12.28
C PRO C 25 -12.26 14.03 12.93
N SER C 26 -12.55 15.13 13.60
CA SER C 26 -11.50 15.90 14.25
C SER C 26 -10.95 15.16 15.47
N VAL C 27 -9.69 15.49 15.76
CA VAL C 27 -8.98 14.85 16.91
C VAL C 27 -9.77 15.12 18.19
N ARG C 28 -10.25 16.35 18.40
CA ARG C 28 -11.02 16.67 19.59
C ARG C 28 -12.24 15.78 19.69
N ASP C 29 -12.95 15.60 18.58
CA ASP C 29 -14.16 14.77 18.58
C ASP C 29 -13.81 13.32 18.93
N LEU C 30 -12.71 12.81 18.39
CA LEU C 30 -12.34 11.43 18.65
C LEU C 30 -11.90 11.23 20.09
N LEU C 31 -11.14 12.19 20.64
CA LEU C 31 -10.68 12.10 22.04
C LEU C 31 -11.91 12.19 22.96
N ASP C 32 -12.89 13.01 22.58
CA ASP C 32 -14.12 13.09 23.37
C ASP C 32 -14.88 11.77 23.32
N THR C 33 -15.01 11.19 22.14
CA THR C 33 -15.62 9.88 22.01
C THR C 33 -14.95 8.87 22.92
N ALA C 34 -13.62 8.86 22.94
CA ALA C 34 -12.91 7.90 23.78
C ALA C 34 -13.16 8.19 25.25
N SER C 35 -12.96 9.42 25.69
CA SER C 35 -13.19 9.77 27.08
C SER C 35 -14.61 9.42 27.50
N ALA C 36 -15.53 9.40 26.54
CA ALA C 36 -16.92 9.16 26.87
C ALA C 36 -17.23 7.68 26.96
N LEU C 37 -16.62 6.88 26.10
CA LEU C 37 -17.01 5.47 25.98
C LEU C 37 -16.05 4.52 26.68
N TYR C 38 -14.73 4.76 26.59
CA TYR C 38 -13.76 3.77 27.12
C TYR C 38 -12.78 4.35 28.14
N ARG C 39 -13.15 5.43 28.83
CA ARG C 39 -12.20 6.06 29.75
C ARG C 39 -11.83 5.09 30.87
N GLU C 40 -12.83 4.47 31.50
CA GLU C 40 -12.54 3.57 32.62
C GLU C 40 -11.69 2.39 32.18
N ALA C 41 -11.72 2.08 30.88
CA ALA C 41 -10.97 0.91 30.37
C ALA C 41 -9.60 1.34 29.83
N LEU C 42 -9.42 2.62 29.51
CA LEU C 42 -8.10 3.13 29.04
C LEU C 42 -7.25 3.46 30.28
N GLU C 43 -7.88 3.97 31.33
CA GLU C 43 -7.20 4.23 32.59
C GLU C 43 -7.04 3.00 33.45
N SER C 44 -7.64 1.88 33.02
CA SER C 44 -7.62 0.64 33.83
C SER C 44 -6.21 0.04 33.89
N PRO C 45 -5.80 -0.69 34.96
CA PRO C 45 -4.51 -1.39 35.00
C PRO C 45 -4.54 -2.76 34.30
N GLU C 46 -5.40 -2.90 33.30
CA GLU C 46 -5.54 -4.19 32.57
C GLU C 46 -5.24 -3.95 31.10
N HIS C 47 -4.73 -4.97 30.39
CA HIS C 47 -4.44 -4.84 28.94
C HIS C 47 -5.76 -4.60 28.20
N CYS C 48 -6.83 -5.29 28.60
CA CYS C 48 -8.17 -5.15 27.95
C CYS C 48 -8.12 -5.72 26.53
N SER C 49 -7.49 -5.03 25.59
CA SER C 49 -7.49 -5.48 24.17
C SER C 49 -6.25 -4.93 23.45
N PRO C 50 -5.72 -5.52 22.34
CA PRO C 50 -4.59 -4.89 21.63
C PRO C 50 -5.03 -3.49 21.18
N HIS C 51 -6.34 -3.26 21.01
CA HIS C 51 -6.85 -1.94 20.58
C HIS C 51 -6.75 -0.93 21.73
N HIS C 52 -7.05 -1.35 22.95
CA HIS C 52 -6.94 -0.46 24.14
C HIS C 52 -5.48 -0.04 24.31
N THR C 53 -4.52 -0.97 24.26
CA THR C 53 -3.08 -0.63 24.35
C THR C 53 -2.69 0.39 23.28
N ALA C 54 -3.07 0.11 22.03
CA ALA C 54 -2.74 1.02 20.92
C ALA C 54 -3.38 2.38 21.14
N LEU C 55 -4.65 2.40 21.56
CA LEU C 55 -5.38 3.67 21.80
C LEU C 55 -4.75 4.43 22.97
N ARG C 56 -4.31 3.73 24.01
CA ARG C 56 -3.61 4.39 25.16
C ARG C 56 -2.34 5.03 24.66
N GLN C 57 -1.58 4.37 23.77
CA GLN C 57 -0.28 4.95 23.34
C GLN C 57 -0.48 6.10 22.36
N ALA C 58 -1.54 6.07 21.54
CA ALA C 58 -1.86 7.13 20.55
C ALA C 58 -2.27 8.41 21.29
N ILE C 59 -2.99 8.29 22.40
CA ILE C 59 -3.42 9.48 23.20
C ILE C 59 -2.18 10.15 23.82
N LEU C 60 -1.24 9.36 24.34
CA LEU C 60 -0.02 9.92 24.97
C LEU C 60 0.84 10.60 23.91
N CYS C 61 1.01 9.97 22.74
CA CYS C 61 1.77 10.55 21.62
C CYS C 61 1.21 11.93 21.28
N TRP C 62 -0.11 12.01 21.09
CA TRP C 62 -0.74 13.30 20.73
C TRP C 62 -0.47 14.31 21.84
N GLY C 63 -0.52 13.87 23.10
CA GLY C 63 -0.28 14.79 24.19
C GLY C 63 1.12 15.38 24.14
N GLU C 64 2.13 14.52 23.98
CA GLU C 64 3.50 15.01 23.88
C GLU C 64 3.63 15.95 22.69
N LEU C 65 2.99 15.60 21.57
CA LEU C 65 3.11 16.42 20.33
C LEU C 65 2.48 17.79 20.54
N MET C 66 1.26 17.85 21.08
CA MET C 66 0.65 19.13 21.38
C MET C 66 1.47 19.94 22.37
N THR C 67 2.06 19.29 23.36
CA THR C 67 2.95 19.97 24.29
C THR C 67 4.09 20.64 23.55
N LEU C 68 4.77 19.87 22.70
CA LEU C 68 5.85 20.43 21.90
C LEU C 68 5.37 21.62 21.10
N ALA C 69 4.22 21.47 20.43
CA ALA C 69 3.76 22.53 19.54
C ALA C 69 3.45 23.80 20.30
N THR C 70 2.72 23.69 21.42
CA THR C 70 2.38 24.90 22.17
C THR C 70 3.63 25.55 22.76
N TRP C 71 4.57 24.74 23.26
CA TRP C 71 5.79 25.29 23.84
C TRP C 71 6.61 26.01 22.77
N VAL C 72 6.74 25.42 21.60
CA VAL C 72 7.55 26.03 20.54
C VAL C 72 6.85 27.28 20.00
N GLY C 73 5.52 27.27 19.97
CA GLY C 73 4.81 28.47 19.57
C GLY C 73 4.99 29.59 20.57
N VAL C 74 4.96 29.25 21.86
CA VAL C 74 5.23 30.25 22.90
C VAL C 74 6.61 30.86 22.69
N ASN C 75 7.62 30.01 22.51
CA ASN C 75 8.98 30.53 22.39
C ASN C 75 9.17 31.31 21.09
N LEU C 76 8.91 30.62 19.98
CA LEU C 76 8.99 31.28 18.64
C LEU C 76 8.05 32.49 18.66
N GLU C 77 8.42 33.55 17.94
CA GLU C 77 7.65 34.77 17.92
C GLU C 77 7.09 35.12 16.55
N ASP C 78 7.18 34.17 15.61
CA ASP C 78 6.72 34.44 14.23
C ASP C 78 5.22 34.10 14.12
N PRO C 79 4.26 35.06 14.18
CA PRO C 79 2.83 34.71 14.13
C PRO C 79 2.45 34.09 12.79
N ALA C 80 3.22 34.41 11.75
CA ALA C 80 2.97 33.81 10.44
C ALA C 80 3.51 32.39 10.37
N SER C 81 4.77 32.19 10.76
CA SER C 81 5.36 30.85 10.72
C SER C 81 4.70 29.89 11.70
N ARG C 82 4.06 30.40 12.76
CA ARG C 82 3.19 29.53 13.54
C ARG C 82 2.15 28.87 12.65
N ASP C 83 1.35 29.70 11.95
CA ASP C 83 0.25 29.19 11.14
C ASP C 83 0.71 28.13 10.15
N LEU C 84 2.01 28.05 9.88
CA LEU C 84 2.51 27.03 8.97
C LEU C 84 3.02 25.81 9.75
N VAL C 85 3.88 26.02 10.75
CA VAL C 85 4.53 24.89 11.41
C VAL C 85 3.59 24.22 12.41
N VAL C 86 3.02 24.99 13.33
CA VAL C 86 2.11 24.42 14.32
C VAL C 86 0.75 24.11 13.74
N SER C 87 0.59 24.28 12.43
CA SER C 87 -0.56 23.78 11.69
C SER C 87 -0.16 22.69 10.71
N TYR C 88 1.14 22.56 10.45
CA TYR C 88 1.65 21.38 9.77
C TYR C 88 1.63 20.19 10.69
N VAL C 89 1.87 20.43 11.99
CA VAL C 89 1.52 19.42 12.98
C VAL C 89 0.13 18.89 12.69
N ASN C 90 -0.84 19.81 12.64
CA ASN C 90 -2.22 19.43 12.42
C ASN C 90 -2.34 18.59 11.15
N THR C 91 -2.11 19.18 9.98
CA THR C 91 -2.38 18.43 8.77
C THR C 91 -1.77 17.03 8.83
N ASN C 92 -0.45 16.91 8.85
CA ASN C 92 0.20 15.61 8.74
C ASN C 92 -0.12 14.70 9.92
N MET C 93 0.54 15.00 11.04
CA MET C 93 0.40 14.11 12.24
C MET C 93 -1.07 14.01 12.60
N GLY C 94 -1.79 15.12 12.50
CA GLY C 94 -3.22 15.12 12.89
C GLY C 94 -4.03 14.17 12.03
N LEU C 95 -3.77 14.12 10.72
CA LEU C 95 -4.48 13.19 9.81
C LEU C 95 -4.14 11.74 10.18
N LYS C 96 -2.85 11.45 10.40
CA LYS C 96 -2.42 10.07 10.75
C LYS C 96 -3.06 9.67 12.08
N PHE C 97 -3.15 10.62 13.02
N PHE C 97 -3.07 10.58 13.06
CA PHE C 97 -3.70 10.29 14.37
CA PHE C 97 -3.71 10.32 14.37
C PHE C 97 -5.23 10.26 14.30
C PHE C 97 -5.21 10.13 14.18
N ARG C 98 -5.81 10.95 13.31
CA ARG C 98 -7.29 10.90 13.12
C ARG C 98 -7.66 9.53 12.55
N GLN C 99 -6.86 9.02 11.60
CA GLN C 99 -7.12 7.68 11.02
C GLN C 99 -6.90 6.61 12.09
N LEU C 100 -5.80 6.71 12.86
CA LEU C 100 -5.48 5.71 13.91
C LEU C 100 -6.58 5.69 14.95
N LEU C 101 -7.06 6.86 15.37
CA LEU C 101 -8.08 6.91 16.46
C LEU C 101 -9.38 6.35 15.92
N TRP C 102 -9.79 6.80 14.73
CA TRP C 102 -11.05 6.33 14.12
C TRP C 102 -10.99 4.81 14.03
N PHE C 103 -9.88 4.27 13.51
CA PHE C 103 -9.80 2.83 13.33
C PHE C 103 -10.02 2.11 14.64
N HIS C 104 -9.33 2.53 15.69
CA HIS C 104 -9.37 1.78 16.94
C HIS C 104 -10.72 1.91 17.63
N ILE C 105 -11.23 3.14 17.77
CA ILE C 105 -12.53 3.35 18.37
C ILE C 105 -13.59 2.57 17.61
N SER C 106 -13.60 2.71 16.28
CA SER C 106 -14.60 2.04 15.47
C SER C 106 -14.51 0.53 15.60
N CYS C 107 -13.29 -0.01 15.60
CA CYS C 107 -13.16 -1.45 15.77
C CYS C 107 -13.74 -1.87 17.10
N LEU C 108 -13.29 -1.23 18.19
CA LEU C 108 -13.78 -1.56 19.56
C LEU C 108 -15.29 -1.39 19.66
N THR C 109 -15.91 -0.53 18.85
CA THR C 109 -17.33 -0.28 19.00
C THR C 109 -18.17 -1.24 18.16
N PHE C 110 -17.76 -1.47 16.91
CA PHE C 110 -18.54 -2.25 15.97
C PHE C 110 -17.94 -3.63 15.72
N GLY C 111 -16.68 -3.69 15.36
CA GLY C 111 -16.06 -4.93 14.93
C GLY C 111 -15.01 -4.67 13.86
N ARG C 112 -13.95 -5.47 13.91
CA ARG C 112 -12.86 -5.34 12.94
C ARG C 112 -13.34 -5.65 11.54
N GLU C 113 -14.04 -6.77 11.37
CA GLU C 113 -14.57 -7.13 10.06
C GLU C 113 -15.52 -6.06 9.54
N THR C 114 -16.40 -5.57 10.42
CA THR C 114 -17.31 -4.50 10.05
C THR C 114 -16.55 -3.28 9.55
N VAL C 115 -15.52 -2.88 10.30
CA VAL C 115 -14.77 -1.68 9.93
C VAL C 115 -14.07 -1.85 8.59
N ILE C 116 -13.52 -3.04 8.34
CA ILE C 116 -12.77 -3.24 7.10
C ILE C 116 -13.73 -3.28 5.91
N GLU C 117 -14.85 -3.98 6.06
CA GLU C 117 -15.87 -3.95 5.03
C GLU C 117 -16.33 -2.52 4.77
N TYR C 118 -16.47 -1.74 5.83
CA TYR C 118 -16.87 -0.34 5.67
C TYR C 118 -15.84 0.42 4.87
N LEU C 119 -14.56 0.20 5.16
CA LEU C 119 -13.51 0.90 4.44
C LEU C 119 -13.59 0.61 2.96
N VAL C 120 -13.63 -0.68 2.60
CA VAL C 120 -13.62 -1.02 1.18
C VAL C 120 -14.89 -0.50 0.50
N SER C 121 -16.04 -0.65 1.17
CA SER C 121 -17.30 -0.24 0.58
C SER C 121 -17.36 1.27 0.38
N PHE C 122 -16.94 2.03 1.39
CA PHE C 122 -16.92 3.48 1.27
C PHE C 122 -15.95 3.94 0.20
N GLY C 123 -14.78 3.30 0.10
CA GLY C 123 -13.85 3.67 -0.95
C GLY C 123 -14.45 3.45 -2.32
N VAL C 124 -14.99 2.25 -2.55
CA VAL C 124 -15.62 1.97 -3.84
C VAL C 124 -16.75 2.94 -4.10
N TRP C 125 -17.50 3.27 -3.05
CA TRP C 125 -18.66 4.19 -3.19
C TRP C 125 -18.18 5.58 -3.64
N ILE C 126 -17.27 6.20 -2.90
CA ILE C 126 -16.78 7.52 -3.24
C ILE C 126 -15.97 7.54 -4.52
N ARG C 127 -15.55 6.37 -5.01
CA ARG C 127 -14.88 6.29 -6.30
C ARG C 127 -15.85 6.02 -7.45
N THR C 128 -17.03 5.53 -7.14
CA THR C 128 -18.01 5.22 -8.18
C THR C 128 -18.73 6.49 -8.62
N PRO C 129 -19.23 6.53 -9.86
CA PRO C 129 -20.03 7.66 -10.29
C PRO C 129 -21.35 7.70 -9.52
N PRO C 130 -21.94 8.88 -9.35
CA PRO C 130 -23.14 8.96 -8.53
C PRO C 130 -24.34 8.24 -9.11
N ALA C 131 -24.58 8.39 -10.41
CA ALA C 131 -25.78 7.86 -11.02
C ALA C 131 -25.90 6.35 -10.92
N TYR C 132 -24.81 5.66 -10.56
CA TYR C 132 -24.81 4.20 -10.53
C TYR C 132 -24.35 3.69 -9.16
N ARG C 133 -24.58 4.49 -8.13
CA ARG C 133 -24.31 4.11 -6.75
C ARG C 133 -25.49 4.54 -5.90
N PRO C 134 -25.77 3.88 -4.73
CA PRO C 134 -26.83 4.34 -3.83
C PRO C 134 -26.57 5.79 -3.42
N PRO C 135 -27.60 6.66 -3.33
CA PRO C 135 -27.38 8.08 -3.03
C PRO C 135 -26.77 8.33 -1.65
N ASN C 136 -27.20 7.60 -0.62
CA ASN C 136 -26.71 7.83 0.76
C ASN C 136 -25.28 7.31 0.93
N ALA C 137 -24.42 8.08 1.60
CA ALA C 137 -23.04 7.61 1.88
C ALA C 137 -23.08 6.48 2.91
N PRO C 138 -22.21 5.45 2.80
CA PRO C 138 -22.16 4.38 3.82
C PRO C 138 -21.86 4.97 5.20
N ILE C 139 -22.48 4.43 6.26
CA ILE C 139 -22.20 4.90 7.65
C ILE C 139 -22.26 3.71 8.60
N LEU C 140 -21.62 3.81 9.78
CA LEU C 140 -21.63 2.78 10.78
C LEU C 140 -22.65 3.13 11.86
N SER C 141 -23.44 2.13 12.26
CA SER C 141 -24.46 2.37 13.26
C SER C 141 -24.64 1.13 14.11
N THR C 142 -24.85 1.33 15.40
CA THR C 142 -25.20 0.28 16.33
C THR C 142 -26.70 0.07 16.44
N LEU C 143 -27.48 0.78 15.63
CA LEU C 143 -28.92 0.82 15.79
C LEU C 143 -29.59 -0.03 14.72
N PRO C 144 -30.32 -1.08 15.08
CA PRO C 144 -31.01 -1.90 14.08
C PRO C 144 -32.45 -1.45 13.84
N MET D 1 -8.33 12.13 29.74
CA MET D 1 -7.86 10.87 30.39
C MET D 1 -6.55 11.08 31.12
N ASP D 2 -6.31 10.25 32.14
CA ASP D 2 -5.12 10.35 32.97
C ASP D 2 -4.30 9.07 32.83
N ILE D 3 -4.12 8.66 31.57
CA ILE D 3 -3.49 7.33 31.28
C ILE D 3 -2.03 7.20 31.71
N ASP D 4 -1.75 6.20 32.54
CA ASP D 4 -0.38 5.86 32.87
C ASP D 4 0.07 4.75 31.95
N PRO D 5 1.09 4.95 31.10
CA PRO D 5 1.42 3.93 30.10
C PRO D 5 2.00 2.66 30.70
N TYR D 6 2.13 2.57 32.02
CA TYR D 6 2.68 1.39 32.66
C TYR D 6 1.67 0.62 33.50
N LYS D 7 0.68 1.30 34.10
CA LYS D 7 -0.24 0.60 34.98
C LYS D 7 -1.04 -0.45 34.23
N GLU D 8 -1.05 -0.38 32.91
CA GLU D 8 -1.69 -1.48 32.12
C GLU D 8 -0.99 -2.80 32.50
N PHE D 9 0.29 -2.73 32.88
CA PHE D 9 1.06 -3.94 33.30
C PHE D 9 1.15 -3.97 34.83
N GLY D 10 2.37 -4.06 35.40
CA GLY D 10 2.50 -4.01 36.84
C GLY D 10 3.50 -2.99 37.31
N ALA D 11 3.33 -1.75 36.90
CA ALA D 11 4.27 -0.71 37.25
C ALA D 11 3.55 0.63 37.23
N THR D 12 4.30 1.69 37.51
CA THR D 12 3.78 3.05 37.51
C THR D 12 4.95 3.99 37.27
N VAL D 13 4.64 5.17 36.74
CA VAL D 13 5.68 6.16 36.46
C VAL D 13 6.36 6.66 37.72
N GLU D 14 5.80 6.39 38.89
CA GLU D 14 6.43 6.73 40.15
C GLU D 14 7.29 5.61 40.70
N LEU D 15 7.07 4.38 40.21
CA LEU D 15 7.96 3.27 40.53
C LEU D 15 9.20 3.26 39.66
N LEU D 16 9.17 3.96 38.53
CA LEU D 16 10.34 4.14 37.69
C LEU D 16 11.11 5.40 38.04
N SER D 17 10.53 6.28 38.84
CA SER D 17 11.27 7.42 39.38
C SER D 17 12.34 6.98 40.36
N PHE D 18 12.38 5.70 40.73
CA PHE D 18 13.50 5.18 41.50
C PHE D 18 14.78 5.25 40.72
N LEU D 19 14.69 5.14 39.41
CA LEU D 19 15.86 5.23 38.55
C LEU D 19 16.07 6.67 38.14
N PRO D 20 17.26 7.22 38.32
CA PRO D 20 17.48 8.59 37.84
C PRO D 20 17.34 8.69 36.34
N SER D 21 17.33 9.91 35.82
CA SER D 21 17.26 10.12 34.38
C SER D 21 18.61 9.96 33.70
N ASP D 22 19.71 10.02 34.45
CA ASP D 22 21.03 9.77 33.92
C ASP D 22 21.30 8.28 33.77
N PHE D 23 20.36 7.42 34.13
CA PHE D 23 20.53 5.98 34.07
C PHE D 23 20.06 5.40 32.74
N PHE D 24 19.26 6.13 32.00
CA PHE D 24 18.56 5.51 30.90
C PHE D 24 19.36 5.61 29.61
N PRO D 25 19.58 4.49 28.92
CA PRO D 25 20.36 4.52 27.70
C PRO D 25 19.75 5.43 26.65
N SER D 26 20.57 5.76 25.66
CA SER D 26 20.14 6.64 24.59
C SER D 26 19.16 5.92 23.67
N VAL D 27 18.30 6.71 23.03
CA VAL D 27 17.28 6.15 22.17
C VAL D 27 17.91 5.36 21.04
N ARG D 28 19.06 5.81 20.55
CA ARG D 28 19.75 5.08 19.50
C ARG D 28 20.13 3.68 19.99
N ASP D 29 20.74 3.60 21.18
CA ASP D 29 21.09 2.30 21.74
C ASP D 29 19.88 1.42 21.89
N LEU D 30 18.76 1.98 22.37
CA LEU D 30 17.60 1.16 22.64
C LEU D 30 16.93 0.67 21.36
N LEU D 31 16.85 1.54 20.35
CA LEU D 31 16.30 1.11 19.07
C LEU D 31 17.20 0.08 18.40
N ASP D 32 18.52 0.20 18.56
CA ASP D 32 19.41 -0.82 18.07
C ASP D 32 19.16 -2.14 18.76
N THR D 33 18.97 -2.11 20.08
CA THR D 33 18.65 -3.32 20.82
C THR D 33 17.37 -3.96 20.30
N ALA D 34 16.35 -3.15 20.07
CA ALA D 34 15.08 -3.67 19.56
C ALA D 34 15.28 -4.30 18.18
N SER D 35 15.91 -3.57 17.26
CA SER D 35 16.20 -4.13 15.96
C SER D 35 16.94 -5.45 16.07
N ALA D 36 17.81 -5.55 17.08
CA ALA D 36 18.62 -6.75 17.25
C ALA D 36 17.78 -7.93 17.72
N LEU D 37 16.85 -7.70 18.64
CA LEU D 37 16.18 -8.79 19.34
C LEU D 37 14.77 -9.08 18.86
N TYR D 38 13.95 -8.05 18.65
CA TYR D 38 12.52 -8.23 18.39
C TYR D 38 12.10 -7.57 17.07
N ARG D 39 13.00 -7.50 16.11
CA ARG D 39 12.65 -6.92 14.81
C ARG D 39 11.64 -7.77 14.08
N GLU D 40 11.88 -9.08 14.02
CA GLU D 40 10.97 -9.98 13.31
C GLU D 40 9.59 -10.01 13.94
N ALA D 41 9.47 -9.62 15.21
CA ALA D 41 8.20 -9.58 15.89
C ALA D 41 7.51 -8.24 15.80
N LEU D 42 8.28 -7.15 15.82
CA LEU D 42 7.70 -5.83 15.62
C LEU D 42 7.25 -5.62 14.19
N GLU D 43 7.92 -6.24 13.21
CA GLU D 43 7.48 -6.22 11.83
C GLU D 43 6.49 -7.33 11.52
N SER D 44 5.94 -7.95 12.55
CA SER D 44 5.05 -9.09 12.38
C SER D 44 3.60 -8.65 12.35
N PRO D 45 2.75 -9.43 11.70
CA PRO D 45 1.32 -9.09 11.68
C PRO D 45 0.55 -9.65 12.87
N GLU D 46 1.26 -10.03 13.91
CA GLU D 46 0.66 -10.71 15.05
C GLU D 46 0.80 -9.88 16.32
N HIS D 47 -0.24 -9.94 17.14
N HIS D 47 -0.22 -9.95 17.16
CA HIS D 47 -0.21 -9.36 18.49
CA HIS D 47 -0.17 -9.31 18.46
C HIS D 47 0.65 -10.28 19.35
C HIS D 47 0.65 -10.22 19.37
N CYS D 48 1.96 -10.25 19.10
CA CYS D 48 2.83 -11.14 19.86
C CYS D 48 2.77 -10.83 21.34
N SER D 49 2.57 -9.57 21.70
CA SER D 49 2.40 -9.19 23.09
C SER D 49 2.09 -7.70 23.26
N PRO D 50 1.43 -7.25 24.36
CA PRO D 50 1.20 -5.83 24.58
C PRO D 50 2.52 -5.04 24.57
N HIS D 51 3.62 -5.65 25.02
CA HIS D 51 4.89 -4.94 24.92
C HIS D 51 5.23 -4.65 23.46
N HIS D 52 4.98 -5.62 22.59
CA HIS D 52 5.24 -5.43 21.17
C HIS D 52 4.37 -4.31 20.61
N THR D 53 3.08 -4.33 20.97
CA THR D 53 2.16 -3.31 20.48
C THR D 53 2.60 -1.91 20.94
N ALA D 54 2.85 -1.77 22.24
CA ALA D 54 3.27 -0.48 22.77
C ALA D 54 4.59 -0.04 22.15
N LEU D 55 5.48 -0.99 21.87
CA LEU D 55 6.77 -0.64 21.31
C LEU D 55 6.61 -0.14 19.88
N ARG D 56 5.78 -0.80 19.08
CA ARG D 56 5.48 -0.30 17.75
C ARG D 56 4.96 1.12 17.82
N GLN D 57 3.97 1.35 18.68
CA GLN D 57 3.35 2.68 18.75
C GLN D 57 4.37 3.73 19.20
N ALA D 58 5.24 3.37 20.13
CA ALA D 58 6.23 4.31 20.62
C ALA D 58 7.27 4.65 19.55
N ILE D 59 7.73 3.64 18.83
CA ILE D 59 8.68 3.87 17.75
C ILE D 59 8.08 4.79 16.70
N LEU D 60 6.80 4.58 16.38
CA LEU D 60 6.16 5.44 15.39
C LEU D 60 6.02 6.86 15.91
N CYS D 61 5.67 7.01 17.19
CA CYS D 61 5.59 8.35 17.77
C CYS D 61 6.93 9.05 17.69
N TRP D 62 8.01 8.33 17.98
CA TRP D 62 9.33 8.92 17.88
C TRP D 62 9.66 9.31 16.45
N GLY D 63 9.32 8.45 15.50
CA GLY D 63 9.50 8.81 14.10
C GLY D 63 8.81 10.12 13.77
N GLU D 64 7.57 10.26 14.26
CA GLU D 64 6.79 11.50 13.97
C GLU D 64 7.44 12.70 14.63
N LEU D 65 7.93 12.55 15.87
CA LEU D 65 8.56 13.66 16.57
C LEU D 65 9.85 14.07 15.87
N MET D 66 10.66 13.09 15.48
CA MET D 66 11.90 13.40 14.77
C MET D 66 11.62 14.08 13.45
N THR D 67 10.65 13.56 12.69
CA THR D 67 10.25 14.21 11.46
C THR D 67 9.90 15.68 11.71
N LEU D 68 9.04 15.93 12.69
CA LEU D 68 8.63 17.29 13.00
C LEU D 68 9.84 18.16 13.29
N ALA D 69 10.67 17.71 14.23
CA ALA D 69 11.77 18.56 14.70
C ALA D 69 12.78 18.81 13.59
N THR D 70 13.09 17.81 12.79
CA THR D 70 14.05 18.00 11.71
C THR D 70 13.49 18.96 10.66
N TRP D 71 12.28 18.68 10.19
CA TRP D 71 11.64 19.56 9.21
C TRP D 71 11.59 21.00 9.72
N VAL D 72 11.30 21.17 11.01
CA VAL D 72 11.23 22.51 11.58
C VAL D 72 12.60 23.16 11.59
N GLY D 73 13.55 22.56 12.31
CA GLY D 73 14.89 23.11 12.36
C GLY D 73 15.43 23.44 10.97
N VAL D 74 14.98 22.70 9.96
CA VAL D 74 15.35 23.01 8.60
C VAL D 74 14.69 24.32 8.15
N ASN D 75 13.36 24.37 8.20
CA ASN D 75 12.67 25.54 7.69
C ASN D 75 13.02 26.80 8.48
N LEU D 76 12.87 26.75 9.80
CA LEU D 76 13.26 27.89 10.68
C LEU D 76 14.75 28.19 10.46
N GLU D 77 15.20 29.44 10.62
CA GLU D 77 16.61 29.78 10.25
C GLU D 77 17.56 30.14 11.40
N ASP D 78 17.19 29.96 12.68
CA ASP D 78 18.12 30.40 13.77
C ASP D 78 18.77 29.20 14.49
N PRO D 79 20.10 28.96 14.49
CA PRO D 79 20.65 27.75 15.13
C PRO D 79 20.66 27.82 16.65
N ALA D 80 20.72 29.02 17.22
CA ALA D 80 20.60 29.14 18.68
C ALA D 80 19.26 28.62 19.15
N SER D 81 18.18 29.11 18.54
CA SER D 81 16.83 28.61 18.87
C SER D 81 16.77 27.13 18.51
N ARG D 82 17.41 26.73 17.40
CA ARG D 82 17.47 25.31 17.05
C ARG D 82 17.97 24.48 18.21
N ASP D 83 19.11 24.87 18.77
CA ASP D 83 19.69 24.16 19.90
C ASP D 83 18.75 24.19 21.10
N LEU D 84 18.11 25.33 21.34
CA LEU D 84 17.16 25.42 22.44
C LEU D 84 16.04 24.41 22.30
N VAL D 85 15.38 24.38 21.14
CA VAL D 85 14.25 23.48 20.98
C VAL D 85 14.70 22.03 20.99
N VAL D 86 15.88 21.73 20.44
CA VAL D 86 16.35 20.35 20.43
C VAL D 86 16.70 19.90 21.83
N SER D 87 17.26 20.80 22.64
CA SER D 87 17.50 20.46 24.04
C SER D 87 16.20 20.18 24.77
N TYR D 88 15.19 21.03 24.55
CA TYR D 88 13.88 20.78 25.14
C TYR D 88 13.33 19.42 24.73
N VAL D 89 13.35 19.15 23.42
CA VAL D 89 12.88 17.86 22.91
C VAL D 89 13.60 16.73 23.61
N ASN D 90 14.93 16.67 23.44
CA ASN D 90 15.72 15.63 24.08
C ASN D 90 15.29 15.47 25.53
N THR D 91 15.47 16.50 26.35
CA THR D 91 15.12 16.37 27.76
C THR D 91 13.74 15.74 27.91
N ASN D 92 12.70 16.49 27.53
CA ASN D 92 11.35 16.16 27.97
C ASN D 92 10.86 14.87 27.32
N MET D 93 10.90 14.81 26.00
CA MET D 93 10.34 13.65 25.32
C MET D 93 11.32 12.49 25.28
N GLY D 94 12.60 12.76 25.02
CA GLY D 94 13.56 11.70 24.99
C GLY D 94 13.66 10.95 26.31
N LEU D 95 13.49 11.64 27.44
CA LEU D 95 13.52 10.91 28.71
C LEU D 95 12.29 10.04 28.87
N LYS D 96 11.11 10.61 28.60
CA LYS D 96 9.87 9.85 28.69
C LYS D 96 9.84 8.69 27.72
N PHE D 97 10.69 8.72 26.69
N PHE D 97 10.69 8.73 26.69
CA PHE D 97 10.75 7.63 25.73
CA PHE D 97 10.79 7.69 25.68
C PHE D 97 11.83 6.62 26.04
C PHE D 97 11.83 6.64 26.04
N ARG D 98 12.96 7.07 26.58
CA ARG D 98 13.96 6.14 27.08
C ARG D 98 13.37 5.28 28.17
N GLN D 99 12.63 5.90 29.09
CA GLN D 99 11.96 5.13 30.13
C GLN D 99 11.11 4.03 29.53
N LEU D 100 10.28 4.39 28.55
CA LEU D 100 9.32 3.47 27.99
C LEU D 100 10.01 2.33 27.26
N LEU D 101 10.98 2.66 26.42
CA LEU D 101 11.70 1.65 25.67
C LEU D 101 12.45 0.71 26.61
N TRP D 102 13.16 1.26 27.59
CA TRP D 102 13.84 0.44 28.57
C TRP D 102 12.87 -0.52 29.23
N PHE D 103 11.76 0.00 29.73
CA PHE D 103 10.80 -0.84 30.43
C PHE D 103 10.31 -1.98 29.56
N HIS D 104 9.93 -1.67 28.32
CA HIS D 104 9.34 -2.71 27.48
C HIS D 104 10.38 -3.72 27.04
N ILE D 105 11.54 -3.26 26.58
CA ILE D 105 12.59 -4.16 26.14
C ILE D 105 13.04 -5.05 27.29
N SER D 106 13.05 -4.52 28.51
CA SER D 106 13.43 -5.33 29.65
C SER D 106 12.36 -6.35 30.01
N CYS D 107 11.12 -5.92 30.18
CA CYS D 107 10.05 -6.86 30.50
C CYS D 107 9.84 -7.88 29.40
N LEU D 108 10.40 -7.65 28.21
CA LEU D 108 10.38 -8.66 27.16
C LEU D 108 11.57 -9.60 27.30
N THR D 109 12.79 -9.05 27.25
CA THR D 109 13.99 -9.85 27.43
C THR D 109 13.93 -10.62 28.74
N PHE D 110 13.85 -9.89 29.84
CA PHE D 110 13.61 -10.45 31.16
C PHE D 110 12.12 -10.40 31.45
N GLY D 111 11.77 -10.78 32.66
CA GLY D 111 10.38 -10.81 33.03
C GLY D 111 9.93 -9.61 33.83
N ARG D 112 8.62 -9.49 33.98
CA ARG D 112 8.05 -8.42 34.79
C ARG D 112 8.47 -8.56 36.24
N GLU D 113 8.46 -9.78 36.76
CA GLU D 113 8.94 -10.01 38.11
C GLU D 113 10.34 -9.48 38.29
N THR D 114 11.25 -9.89 37.41
CA THR D 114 12.64 -9.48 37.52
C THR D 114 12.79 -7.97 37.38
N VAL D 115 12.05 -7.37 36.46
CA VAL D 115 12.17 -5.93 36.24
C VAL D 115 11.71 -5.17 37.48
N ILE D 116 10.61 -5.60 38.09
CA ILE D 116 10.09 -4.88 39.24
C ILE D 116 11.01 -5.07 40.45
N GLU D 117 11.50 -6.28 40.64
CA GLU D 117 12.46 -6.50 41.70
C GLU D 117 13.71 -5.67 41.49
N TYR D 118 14.14 -5.53 40.24
CA TYR D 118 15.30 -4.70 39.94
C TYR D 118 15.02 -3.25 40.29
N LEU D 119 13.82 -2.77 39.98
CA LEU D 119 13.49 -1.39 40.31
C LEU D 119 13.51 -1.15 41.80
N VAL D 120 12.92 -2.07 42.57
CA VAL D 120 12.92 -1.94 44.02
C VAL D 120 14.33 -1.95 44.56
N SER D 121 15.15 -2.91 44.12
CA SER D 121 16.50 -3.04 44.62
C SER D 121 17.36 -1.85 44.26
N PHE D 122 17.19 -1.32 43.04
CA PHE D 122 17.93 -0.14 42.66
C PHE D 122 17.46 1.08 43.42
N GLY D 123 16.19 1.12 43.80
CA GLY D 123 15.76 2.19 44.69
C GLY D 123 16.47 2.10 46.02
N VAL D 124 16.52 0.91 46.60
CA VAL D 124 17.27 0.71 47.83
C VAL D 124 18.70 1.20 47.67
N TRP D 125 19.33 0.78 46.58
CA TRP D 125 20.74 1.11 46.36
C TRP D 125 20.95 2.61 46.24
N ILE D 126 20.28 3.24 45.28
CA ILE D 126 20.47 4.66 45.03
C ILE D 126 19.92 5.53 46.15
N ARG D 127 19.16 4.96 47.08
CA ARG D 127 18.78 5.69 48.28
C ARG D 127 19.86 5.61 49.34
N THR D 128 20.44 4.44 49.51
CA THR D 128 21.46 4.22 50.52
C THR D 128 22.60 5.21 50.31
N PRO D 129 22.99 5.97 51.34
CA PRO D 129 24.08 6.91 51.18
C PRO D 129 25.33 6.24 50.63
N PRO D 130 26.17 7.00 49.91
CA PRO D 130 27.32 6.37 49.25
C PRO D 130 28.28 5.73 50.22
N ALA D 131 28.40 6.27 51.43
CA ALA D 131 29.34 5.71 52.40
C ALA D 131 29.05 4.25 52.68
N TYR D 132 27.77 3.87 52.66
CA TYR D 132 27.34 2.51 52.93
C TYR D 132 26.73 1.86 51.70
N ARG D 133 27.04 2.40 50.52
CA ARG D 133 26.52 1.91 49.27
C ARG D 133 27.55 1.03 48.60
N PRO D 134 27.28 -0.27 48.43
CA PRO D 134 28.24 -1.12 47.74
C PRO D 134 28.52 -0.62 46.34
N PRO D 135 29.62 -1.03 45.75
CA PRO D 135 29.92 -0.58 44.39
C PRO D 135 29.25 -1.46 43.35
N ASN D 136 29.02 -2.71 43.70
CA ASN D 136 28.43 -3.68 42.79
C ASN D 136 26.92 -3.47 42.77
N ALA D 137 26.52 -2.41 42.10
CA ALA D 137 25.11 -2.10 41.91
C ALA D 137 24.38 -3.29 41.31
N PRO D 138 23.06 -3.35 41.44
CA PRO D 138 22.30 -4.39 40.79
C PRO D 138 22.23 -4.13 39.29
N ILE D 139 22.01 -5.22 38.55
CA ILE D 139 21.95 -5.14 37.10
C ILE D 139 21.17 -6.35 36.59
N LEU D 140 20.46 -6.15 35.50
CA LEU D 140 19.70 -7.22 34.88
C LEU D 140 20.62 -8.09 34.03
N SER D 141 20.61 -9.39 34.29
CA SER D 141 21.45 -10.31 33.56
C SER D 141 20.79 -11.66 33.48
N THR D 142 21.11 -12.40 32.41
CA THR D 142 20.72 -13.78 32.25
C THR D 142 21.80 -14.74 32.73
N LEU D 143 22.71 -14.26 33.57
CA LEU D 143 23.88 -15.00 34.01
C LEU D 143 24.06 -14.86 35.51
N PRO D 144 25.01 -15.59 36.10
CA PRO D 144 25.39 -15.39 37.50
C PRO D 144 26.10 -14.06 37.72
N UNK E 1 13.34 31.75 22.56
CA UNK E 1 14.12 32.43 21.50
C UNK E 1 13.43 32.21 20.14
N UNK E 2 13.02 33.32 19.48
CA UNK E 2 12.37 33.21 18.17
C UNK E 2 13.38 32.71 17.13
N UNK E 3 12.97 31.77 16.27
CA UNK E 3 13.85 31.29 15.18
C UNK E 3 13.43 31.94 13.87
N UNK E 4 12.50 32.91 13.92
CA UNK E 4 12.00 33.61 12.71
C UNK E 4 11.41 32.62 11.71
N UNK E 5 11.83 32.69 10.44
CA UNK E 5 11.29 31.80 9.38
C UNK E 5 10.74 30.51 9.96
#